data_5G50
#
_entry.id   5G50
#
_cell.length_a   123.513
_cell.length_b   123.513
_cell.length_c   100.526
_cell.angle_alpha   90.00
_cell.angle_beta   90.00
_cell.angle_gamma   90.00
#
_symmetry.space_group_name_H-M   'P 41 21 2'
#
loop_
_entity.id
_entity.type
_entity.pdbx_description
1 polymer RBMA
2 non-polymer 'MAGNESIUM ION'
3 water water
#
_entity_poly.entity_id   1
_entity_poly.type   'polypeptide(L)'
_entity_poly.pdbx_seq_one_letter_code
;MGSSHHHHHHSSGLVPRGSHMEVDCELQPVIEANLSLNQNQLASNGGYISSQLGIRNESCETVKFKYWLSIKGPEGIYFP
AKAVVGVDTAQQESDALTDGRMLNVTRGFWVPEYMADGKYTVSLQVVAENGKVFKANQEFVKGVDLNSLPELNGLTIDIK
NQFGINSVESTGGFVPFTVDLNNGREGEANVEFWMTAVGPDGLIIPVNAREKWVIASGDTYSKVRGINFDKSYPAGEYTI
NAQVVDIVSGERVEQSMTVVKK
;
_entity_poly.pdbx_strand_id   A,B
#
loop_
_chem_comp.id
_chem_comp.type
_chem_comp.name
_chem_comp.formula
MG non-polymer 'MAGNESIUM ION' 'Mg 2'
#
# COMPACT_ATOMS: atom_id res chain seq x y z
N PRO A 29 7.63 6.59 27.72
CA PRO A 29 8.19 6.53 26.38
C PRO A 29 9.72 6.71 26.37
N VAL A 30 10.42 5.67 25.97
CA VAL A 30 11.87 5.75 25.75
C VAL A 30 12.27 6.78 24.63
N ILE A 31 11.40 7.03 23.64
CA ILE A 31 11.62 8.03 22.56
C ILE A 31 10.40 8.94 22.38
N GLU A 32 10.64 10.23 22.12
CA GLU A 32 9.61 11.16 21.59
C GLU A 32 10.09 11.69 20.22
N ALA A 33 9.26 11.51 19.20
CA ALA A 33 9.59 11.90 17.82
C ALA A 33 8.75 13.10 17.42
N ASN A 34 9.38 14.06 16.73
CA ASN A 34 8.68 15.25 16.27
C ASN A 34 9.10 15.52 14.84
N LEU A 35 8.14 16.03 14.09
CA LEU A 35 8.32 16.36 12.69
C LEU A 35 7.55 17.62 12.34
N SER A 36 8.20 18.53 11.62
CA SER A 36 7.45 19.61 10.99
C SER A 36 7.97 19.93 9.59
N LEU A 37 7.06 20.39 8.74
CA LEU A 37 7.38 20.63 7.34
C LEU A 37 7.37 22.10 7.10
N ASN A 38 8.26 22.59 6.25
CA ASN A 38 8.33 24.05 6.04
C ASN A 38 7.13 24.59 5.29
N GLN A 39 6.45 23.74 4.54
CA GLN A 39 5.21 24.08 3.92
C GLN A 39 4.42 22.81 3.67
N ASN A 40 3.11 22.96 3.53
CA ASN A 40 2.18 21.84 3.43
C ASN A 40 1.33 21.84 2.16
N GLN A 41 1.66 22.69 1.21
CA GLN A 41 0.86 22.88 0.02
C GLN A 41 1.88 23.03 -1.11
N LEU A 42 1.79 22.17 -2.13
CA LEU A 42 2.53 22.32 -3.39
C LEU A 42 1.58 22.42 -4.57
N ALA A 43 2.04 23.07 -5.64
CA ALA A 43 1.27 23.10 -6.89
C ALA A 43 1.46 21.80 -7.64
N SER A 44 0.73 21.62 -8.73
CA SER A 44 0.84 20.40 -9.51
C SER A 44 2.22 20.21 -10.13
N ASN A 45 2.95 21.28 -10.38
CA ASN A 45 4.32 21.18 -10.90
C ASN A 45 5.30 20.67 -9.84
N GLY A 46 4.83 20.47 -8.62
CA GLY A 46 5.67 19.95 -7.55
C GLY A 46 6.54 21.01 -6.89
N GLY A 47 7.45 20.54 -6.06
CA GLY A 47 8.34 21.47 -5.35
C GLY A 47 9.08 20.79 -4.25
N TYR A 48 9.71 21.61 -3.44
CA TYR A 48 10.63 21.12 -2.46
C TYR A 48 10.06 21.29 -1.05
N ILE A 49 10.13 20.23 -0.24
CA ILE A 49 9.72 20.25 1.14
C ILE A 49 10.90 20.00 2.06
N SER A 50 11.07 20.91 3.01
CA SER A 50 12.13 20.83 3.98
C SER A 50 11.50 20.46 5.34
N SER A 51 12.10 19.50 6.01
CA SER A 51 11.51 18.94 7.20
C SER A 51 12.49 18.99 8.36
N GLN A 52 11.94 19.29 9.52
CA GLN A 52 12.70 19.38 10.76
C GLN A 52 12.36 18.14 11.58
N LEU A 53 13.36 17.34 11.89
CA LEU A 53 13.19 16.10 12.63
C LEU A 53 13.76 16.25 14.01
N GLY A 54 12.98 15.83 15.00
CA GLY A 54 13.36 15.91 16.41
C GLY A 54 13.17 14.54 17.00
N ILE A 55 14.23 14.00 17.61
CA ILE A 55 14.13 12.76 18.38
C ILE A 55 14.71 13.01 19.77
N ARG A 56 13.86 12.89 20.79
CA ARG A 56 14.25 13.12 22.19
C ARG A 56 14.27 11.80 22.98
N ASN A 57 15.33 11.57 23.74
CA ASN A 57 15.38 10.47 24.72
C ASN A 57 14.92 11.00 26.08
N GLU A 58 13.68 10.69 26.42
CA GLU A 58 13.11 11.11 27.72
C GLU A 58 13.56 10.21 28.89
N SER A 59 13.87 8.94 28.60
CA SER A 59 14.06 7.92 29.64
C SER A 59 15.35 8.09 30.48
N CYS A 60 15.41 7.34 31.58
CA CYS A 60 16.52 7.39 32.51
C CYS A 60 17.85 6.89 31.91
N GLU A 61 17.77 5.87 31.08
CA GLU A 61 18.94 5.23 30.47
C GLU A 61 19.19 5.65 29.00
N THR A 62 20.40 5.36 28.52
CA THR A 62 20.79 5.57 27.12
C THR A 62 20.01 4.63 26.22
N VAL A 63 19.57 5.15 25.06
CA VAL A 63 18.78 4.36 24.11
C VAL A 63 19.44 4.31 22.74
N LYS A 64 19.44 3.12 22.15
CA LYS A 64 19.92 2.91 20.78
C LYS A 64 18.71 2.69 19.88
N PHE A 65 18.73 3.33 18.72
CA PHE A 65 17.64 3.26 17.77
C PHE A 65 18.11 3.42 16.32
N LYS A 66 17.23 3.12 15.38
CA LYS A 66 17.45 3.45 13.96
C LYS A 66 16.29 4.34 13.56
N TYR A 67 16.48 5.20 12.59
CA TYR A 67 15.42 6.13 12.17
C TYR A 67 15.56 6.51 10.73
N TRP A 68 14.44 6.90 10.14
CA TRP A 68 14.43 7.32 8.76
C TRP A 68 13.23 8.22 8.49
N LEU A 69 13.19 8.82 7.30
CA LEU A 69 12.10 9.68 6.84
C LEU A 69 11.56 9.15 5.50
N SER A 70 10.27 8.83 5.45
CA SER A 70 9.62 8.24 4.27
C SER A 70 8.33 8.94 3.97
N ILE A 71 7.91 8.82 2.71
CA ILE A 71 6.72 9.45 2.22
C ILE A 71 5.79 8.43 1.56
N LYS A 72 4.51 8.61 1.85
CA LYS A 72 3.42 7.86 1.26
C LYS A 72 2.52 8.86 0.54
N GLY A 73 2.13 8.50 -0.69
CA GLY A 73 1.31 9.36 -1.54
C GLY A 73 0.16 8.63 -2.22
N PRO A 74 -0.58 9.35 -3.08
CA PRO A 74 -1.64 8.76 -3.88
C PRO A 74 -1.08 7.73 -4.86
N GLU A 75 -1.97 6.94 -5.43
CA GLU A 75 -1.61 5.95 -6.44
C GLU A 75 -0.53 4.97 -6.02
N GLY A 76 -0.56 4.56 -4.76
CA GLY A 76 0.39 3.56 -4.27
C GLY A 76 1.84 4.04 -4.20
N ILE A 77 2.08 5.34 -4.30
CA ILE A 77 3.43 5.79 -4.18
C ILE A 77 3.95 5.72 -2.73
N TYR A 78 5.16 5.18 -2.61
CA TYR A 78 5.95 5.22 -1.40
C TYR A 78 7.38 5.57 -1.80
N PHE A 79 8.02 6.49 -1.09
CA PHE A 79 9.37 6.84 -1.43
C PHE A 79 10.15 7.36 -0.24
N PRO A 80 11.47 7.12 -0.26
CA PRO A 80 12.33 7.59 0.81
C PRO A 80 12.65 9.02 0.58
N ALA A 81 12.78 9.78 1.66
CA ALA A 81 13.23 11.16 1.57
C ALA A 81 14.65 11.32 0.98
N LYS A 82 15.52 10.38 1.26
CA LYS A 82 16.88 10.41 0.77
C LYS A 82 16.98 10.22 -0.77
N ALA A 83 17.72 11.14 -1.38
CA ALA A 83 18.17 11.04 -2.76
C ALA A 83 19.68 11.12 -2.77
N VAL A 84 20.31 10.34 -3.64
CA VAL A 84 21.80 10.32 -3.76
C VAL A 84 22.25 10.56 -5.18
N VAL A 85 23.42 11.15 -5.33
CA VAL A 85 23.94 11.44 -6.69
C VAL A 85 24.49 10.20 -7.44
N GLY A 86 24.84 9.16 -6.72
CA GLY A 86 25.37 7.92 -7.34
C GLY A 86 24.50 6.69 -7.03
N VAL A 87 25.16 5.65 -6.52
CA VAL A 87 24.57 4.35 -6.28
C VAL A 87 24.42 4.28 -4.78
N ASP A 88 23.22 4.00 -4.29
CA ASP A 88 23.01 3.87 -2.85
C ASP A 88 23.59 2.56 -2.37
N THR A 89 24.62 2.68 -1.55
CA THR A 89 25.38 1.56 -1.05
C THR A 89 25.30 1.35 0.48
N ALA A 90 24.61 2.23 1.18
CA ALA A 90 24.66 2.32 2.65
C ALA A 90 23.56 1.46 3.27
N GLN A 91 23.72 1.10 4.54
CA GLN A 91 22.64 0.39 5.26
C GLN A 91 22.11 1.28 6.40
N GLN A 92 20.91 0.99 6.93
CA GLN A 92 20.35 1.73 8.08
C GLN A 92 21.22 1.58 9.33
N GLU A 93 21.92 2.65 9.69
CA GLU A 93 22.83 2.67 10.85
C GLU A 93 22.07 3.14 12.11
N SER A 94 22.43 2.57 13.25
CA SER A 94 21.88 3.02 14.54
C SER A 94 22.47 4.37 15.00
N ASP A 95 21.73 5.10 15.82
CA ASP A 95 22.25 6.25 16.55
C ASP A 95 22.02 5.92 18.02
N ALA A 96 22.54 6.77 18.90
CA ALA A 96 22.34 6.62 20.35
C ALA A 96 22.14 7.98 21.00
N LEU A 97 21.22 8.06 21.94
CA LEU A 97 21.05 9.28 22.70
C LEU A 97 21.22 8.95 24.18
N THR A 98 22.07 9.72 24.87
CA THR A 98 22.21 9.64 26.35
C THR A 98 20.91 10.12 27.05
N ASP A 99 20.76 9.74 28.33
CA ASP A 99 19.72 10.26 29.24
C ASP A 99 19.49 11.77 28.99
N GLY A 100 18.23 12.16 28.75
CA GLY A 100 17.85 13.56 28.62
C GLY A 100 18.20 14.29 27.34
N ARG A 101 19.06 13.69 26.50
CA ARG A 101 19.66 14.36 25.34
C ARG A 101 18.83 14.12 24.08
N MET A 102 18.98 15.03 23.10
CA MET A 102 18.17 14.98 21.91
C MET A 102 18.95 15.21 20.61
N LEU A 103 18.28 14.83 19.54
CA LEU A 103 18.78 14.83 18.18
C LEU A 103 17.87 15.75 17.36
N ASN A 104 18.50 16.64 16.59
CA ASN A 104 17.79 17.60 15.73
C ASN A 104 18.45 17.72 14.39
N VAL A 105 17.77 17.25 13.35
CA VAL A 105 18.31 17.26 12.03
C VAL A 105 17.28 17.85 11.07
N THR A 106 17.76 18.39 9.94
CA THR A 106 16.87 18.87 8.88
C THR A 106 17.17 18.12 7.57
N ARG A 107 16.10 17.63 6.94
CA ARG A 107 16.18 16.83 5.72
C ARG A 107 15.16 17.38 4.76
N GLY A 108 15.47 17.40 3.47
CA GLY A 108 14.52 17.85 2.52
C GLY A 108 14.35 16.87 1.37
N PHE A 109 13.26 17.03 0.64
CA PHE A 109 13.06 16.27 -0.57
C PHE A 109 12.27 17.01 -1.63
N TRP A 110 12.52 16.64 -2.88
CA TRP A 110 11.78 17.10 -4.02
C TRP A 110 10.58 16.18 -4.29
N VAL A 111 9.47 16.80 -4.69
CA VAL A 111 8.29 16.12 -5.13
C VAL A 111 8.09 16.51 -6.57
N PRO A 112 8.40 15.59 -7.51
CA PRO A 112 8.36 16.00 -8.89
C PRO A 112 6.94 16.12 -9.46
N GLU A 113 6.82 16.93 -10.52
CA GLU A 113 5.56 17.12 -11.23
C GLU A 113 4.88 15.80 -11.59
N TYR A 114 5.66 14.77 -11.95
CA TYR A 114 5.08 13.49 -12.39
C TYR A 114 4.28 12.73 -11.32
N MET A 115 4.59 12.96 -10.04
CA MET A 115 3.83 12.27 -9.00
C MET A 115 2.41 12.79 -8.93
N ALA A 116 1.49 11.94 -8.52
CA ALA A 116 0.07 12.27 -8.52
C ALA A 116 -0.31 13.47 -7.65
N ASP A 117 -1.28 14.24 -8.12
CA ASP A 117 -1.88 15.25 -7.26
C ASP A 117 -2.66 14.54 -6.18
N GLY A 118 -2.70 15.11 -4.99
CA GLY A 118 -3.51 14.60 -3.88
C GLY A 118 -2.79 14.77 -2.56
N LYS A 119 -3.10 13.90 -1.61
CA LYS A 119 -2.58 14.01 -0.24
C LYS A 119 -1.39 13.11 -0.03
N TYR A 120 -0.37 13.65 0.62
CA TYR A 120 0.85 12.93 0.97
C TYR A 120 1.05 12.95 2.50
N THR A 121 1.64 11.88 3.04
CA THR A 121 2.01 11.80 4.44
C THR A 121 3.50 11.59 4.55
N VAL A 122 4.16 12.51 5.24
CA VAL A 122 5.58 12.37 5.54
C VAL A 122 5.65 11.74 6.95
N SER A 123 6.49 10.72 7.08
CA SER A 123 6.59 9.95 8.30
C SER A 123 8.06 9.79 8.77
N LEU A 124 8.36 10.42 9.90
CA LEU A 124 9.59 10.15 10.66
C LEU A 124 9.32 8.92 11.51
N GLN A 125 10.14 7.89 11.38
CA GLN A 125 9.88 6.62 12.07
C GLN A 125 11.16 6.20 12.77
N VAL A 126 11.00 5.74 14.00
CA VAL A 126 12.12 5.40 14.85
C VAL A 126 11.85 4.00 15.37
N VAL A 127 12.81 3.09 15.23
CA VAL A 127 12.70 1.75 15.82
C VAL A 127 13.82 1.65 16.84
N ALA A 128 13.43 1.54 18.11
CA ALA A 128 14.38 1.40 19.20
C ALA A 128 14.89 -0.02 19.26
N GLU A 129 16.07 -0.22 19.81
CA GLU A 129 16.74 -1.53 19.89
C GLU A 129 15.83 -2.64 20.44
N ASN A 130 14.95 -2.27 21.37
CA ASN A 130 14.01 -3.21 21.97
C ASN A 130 12.74 -3.51 21.14
N GLY A 131 12.64 -2.97 19.92
CA GLY A 131 11.49 -3.23 19.06
C GLY A 131 10.37 -2.19 19.08
N LYS A 132 10.37 -1.25 20.03
CA LYS A 132 9.30 -0.24 20.13
C LYS A 132 9.44 0.71 18.93
N VAL A 133 8.33 0.95 18.26
CA VAL A 133 8.24 1.83 17.12
C VAL A 133 7.63 3.18 17.50
N PHE A 134 8.25 4.27 17.08
CA PHE A 134 7.74 5.60 17.31
C PHE A 134 7.64 6.33 15.99
N LYS A 135 6.54 7.01 15.75
CA LYS A 135 6.31 7.71 14.51
C LYS A 135 5.83 9.14 14.74
N ALA A 136 6.30 10.07 13.91
CA ALA A 136 5.72 11.42 13.82
C ALA A 136 5.42 11.70 12.36
N ASN A 137 4.15 11.97 12.05
CA ASN A 137 3.65 12.19 10.72
C ASN A 137 3.17 13.62 10.52
N GLN A 138 3.32 14.13 9.30
CA GLN A 138 2.67 15.38 8.85
C GLN A 138 2.21 15.23 7.39
N GLU A 139 1.18 15.96 7.03
CA GLU A 139 0.60 15.91 5.70
C GLU A 139 1.03 17.12 4.88
N PHE A 140 1.15 16.91 3.58
CA PHE A 140 1.15 17.99 2.61
C PHE A 140 0.26 17.57 1.44
N VAL A 141 -0.18 18.55 0.65
CA VAL A 141 -0.98 18.26 -0.54
C VAL A 141 -0.29 18.81 -1.78
N LYS A 142 -0.57 18.18 -2.92
CA LYS A 142 -0.02 18.58 -4.21
C LYS A 142 -1.15 18.80 -5.19
N GLY A 143 -1.22 20.02 -5.72
CA GLY A 143 -2.23 20.38 -6.72
C GLY A 143 -3.68 20.40 -6.25
N VAL A 144 -3.93 20.30 -4.96
CA VAL A 144 -5.30 20.42 -4.42
C VAL A 144 -5.21 21.35 -3.24
N ASP A 145 -6.34 21.90 -2.83
CA ASP A 145 -6.38 22.78 -1.65
C ASP A 145 -6.15 22.02 -0.35
N LEU A 146 -5.32 22.54 0.53
CA LEU A 146 -5.28 22.07 1.92
C LEU A 146 -6.61 22.48 2.61
N ASN A 147 -7.17 21.62 3.46
CA ASN A 147 -8.45 21.95 4.18
C ASN A 147 -9.72 21.91 3.31
N SER A 148 -9.68 21.22 2.15
CA SER A 148 -10.89 20.91 1.36
C SER A 148 -11.05 19.41 1.27
N LEU A 149 -12.27 18.94 1.06
CA LEU A 149 -12.52 17.51 0.88
C LEU A 149 -11.85 16.98 -0.39
N PRO A 150 -11.44 15.70 -0.37
CA PRO A 150 -11.11 15.02 -1.62
C PRO A 150 -12.25 15.15 -2.61
N GLU A 151 -11.93 15.23 -3.90
CA GLU A 151 -12.99 15.37 -4.90
C GLU A 151 -12.60 14.92 -6.27
N LEU A 152 -13.65 14.55 -7.02
CA LEU A 152 -13.60 14.27 -8.46
C LEU A 152 -14.38 15.35 -9.18
N ASN A 153 -13.70 16.43 -9.52
CA ASN A 153 -14.26 17.51 -10.33
C ASN A 153 -15.70 17.91 -9.91
N GLY A 154 -15.82 18.38 -8.68
CA GLY A 154 -17.10 18.84 -8.13
C GLY A 154 -17.86 17.81 -7.32
N LEU A 155 -17.52 16.54 -7.46
CA LEU A 155 -18.09 15.48 -6.63
C LEU A 155 -17.16 15.31 -5.45
N THR A 156 -17.70 15.55 -4.28
CA THR A 156 -16.92 15.73 -3.08
C THR A 156 -17.05 14.42 -2.28
N ILE A 157 -15.97 13.99 -1.64
CA ILE A 157 -15.94 12.69 -0.96
C ILE A 157 -15.54 12.87 0.48
N ASP A 158 -16.47 12.52 1.36
CA ASP A 158 -16.35 12.74 2.80
C ASP A 158 -16.57 11.39 3.47
N ILE A 159 -15.47 10.77 3.85
CA ILE A 159 -15.51 9.45 4.49
C ILE A 159 -14.76 9.57 5.79
N LYS A 160 -15.38 9.09 6.86
CA LYS A 160 -14.88 9.30 8.19
C LYS A 160 -15.13 8.09 9.08
N ASN A 161 -14.24 7.91 10.03
CA ASN A 161 -14.43 7.05 11.16
C ASN A 161 -15.48 7.76 12.05
N GLN A 162 -16.65 7.15 12.17
CA GLN A 162 -17.82 7.86 12.67
C GLN A 162 -17.63 8.34 14.10
N PHE A 163 -17.12 7.48 14.97
CA PHE A 163 -16.99 7.83 16.40
C PHE A 163 -15.53 7.97 16.84
N GLY A 164 -14.60 8.06 15.88
CA GLY A 164 -13.18 8.22 16.20
C GLY A 164 -12.62 7.04 16.96
N ILE A 165 -13.02 5.83 16.58
CA ILE A 165 -12.53 4.62 17.23
C ILE A 165 -11.26 4.20 16.47
N ASN A 166 -10.09 4.43 17.09
CA ASN A 166 -8.79 4.21 16.45
C ASN A 166 -8.20 2.85 16.78
N SER A 167 -8.82 2.12 17.69
CA SER A 167 -8.35 0.76 17.96
C SER A 167 -9.47 -0.08 18.53
N VAL A 168 -9.28 -1.38 18.44
CA VAL A 168 -10.19 -2.36 19.02
C VAL A 168 -9.36 -3.40 19.76
N GLU A 169 -10.01 -4.06 20.72
CA GLU A 169 -9.40 -5.11 21.52
C GLU A 169 -9.09 -6.33 20.71
N SER A 170 -8.14 -7.12 21.22
CA SER A 170 -7.77 -8.39 20.61
C SER A 170 -8.95 -9.34 20.57
N THR A 171 -9.86 -9.22 21.54
CA THR A 171 -11.08 -10.03 21.57
C THR A 171 -12.15 -9.57 20.56
N GLY A 172 -11.91 -8.49 19.84
CA GLY A 172 -12.81 -8.10 18.76
C GLY A 172 -13.54 -6.79 19.04
N GLY A 173 -14.02 -6.19 17.95
CA GLY A 173 -14.65 -4.90 18.02
C GLY A 173 -15.14 -4.53 16.63
N PHE A 174 -16.04 -3.56 16.60
CA PHE A 174 -16.72 -3.13 15.42
C PHE A 174 -16.51 -1.64 15.28
N VAL A 175 -16.22 -1.16 14.05
CA VAL A 175 -16.01 0.26 13.79
C VAL A 175 -16.86 0.74 12.62
N PRO A 176 -17.82 1.65 12.87
CA PRO A 176 -18.60 2.20 11.73
C PRO A 176 -17.96 3.41 11.07
N PHE A 177 -18.16 3.53 9.74
CA PHE A 177 -17.68 4.65 8.95
C PHE A 177 -18.81 5.32 8.22
N THR A 178 -18.85 6.66 8.26
CA THR A 178 -19.81 7.42 7.43
C THR A 178 -19.25 7.69 6.02
N VAL A 179 -20.13 7.61 5.02
CA VAL A 179 -19.77 7.88 3.64
C VAL A 179 -20.74 8.91 3.11
N ASP A 180 -20.24 10.07 2.70
CA ASP A 180 -21.04 11.09 2.05
C ASP A 180 -20.40 11.54 0.73
N LEU A 181 -21.07 11.27 -0.37
CA LEU A 181 -20.59 11.60 -1.69
C LEU A 181 -21.53 12.66 -2.22
N ASN A 182 -21.11 13.91 -2.16
CA ASN A 182 -22.00 15.03 -2.49
C ASN A 182 -21.70 15.57 -3.91
N ASN A 183 -22.68 15.47 -4.80
CA ASN A 183 -22.51 15.90 -6.19
C ASN A 183 -22.79 17.39 -6.36
N GLY A 184 -21.70 18.17 -6.39
CA GLY A 184 -21.80 19.62 -6.61
C GLY A 184 -21.80 20.07 -8.07
N ARG A 185 -21.92 19.13 -9.00
CA ARG A 185 -21.85 19.46 -10.43
C ARG A 185 -23.24 19.84 -10.92
N GLU A 186 -23.29 20.35 -12.15
CA GLU A 186 -24.55 20.69 -12.82
C GLU A 186 -25.28 19.46 -13.38
N GLY A 187 -24.54 18.40 -13.72
CA GLY A 187 -25.10 17.16 -14.25
C GLY A 187 -24.97 16.02 -13.27
N GLU A 188 -25.51 14.85 -13.63
CA GLU A 188 -25.45 13.68 -12.77
C GLU A 188 -24.08 13.01 -12.86
N ALA A 189 -23.67 12.42 -11.74
CA ALA A 189 -22.36 11.79 -11.60
C ALA A 189 -22.56 10.28 -11.51
N ASN A 190 -21.79 9.52 -12.28
CA ASN A 190 -21.88 8.06 -12.26
C ASN A 190 -20.64 7.56 -11.51
N VAL A 191 -20.85 7.04 -10.30
CA VAL A 191 -19.75 6.64 -9.45
C VAL A 191 -19.76 5.15 -9.10
N GLU A 192 -18.56 4.63 -8.88
CA GLU A 192 -18.35 3.30 -8.39
C GLU A 192 -17.60 3.45 -7.08
N PHE A 193 -17.92 2.59 -6.12
CA PHE A 193 -17.43 2.78 -4.76
C PHE A 193 -17.21 1.44 -4.11
N TRP A 194 -16.09 1.29 -3.40
CA TRP A 194 -15.84 0.13 -2.57
C TRP A 194 -14.87 0.45 -1.43
N MET A 195 -14.73 -0.50 -0.51
CA MET A 195 -13.84 -0.37 0.65
C MET A 195 -13.21 -1.71 1.01
N THR A 196 -11.94 -1.68 1.39
CA THR A 196 -11.26 -2.84 1.94
C THR A 196 -10.55 -2.45 3.26
N ALA A 197 -10.16 -3.46 4.06
CA ALA A 197 -9.27 -3.28 5.18
C ALA A 197 -7.94 -3.95 4.84
N VAL A 198 -6.88 -3.17 4.67
CA VAL A 198 -5.58 -3.70 4.25
C VAL A 198 -4.77 -3.81 5.51
N GLY A 199 -4.48 -5.04 5.89
CA GLY A 199 -3.97 -5.29 7.24
C GLY A 199 -2.78 -6.21 7.29
N PRO A 200 -2.50 -6.73 8.49
CA PRO A 200 -1.35 -7.61 8.74
C PRO A 200 -1.45 -8.89 7.99
N ASP A 201 -0.32 -9.54 7.82
CA ASP A 201 -0.25 -10.86 7.16
C ASP A 201 -0.78 -10.83 5.71
N GLY A 202 -0.64 -9.68 5.04
CA GLY A 202 -1.16 -9.51 3.67
C GLY A 202 -2.68 -9.61 3.52
N LEU A 203 -3.43 -9.45 4.63
CA LEU A 203 -4.88 -9.49 4.50
C LEU A 203 -5.41 -8.27 3.75
N ILE A 204 -6.35 -8.52 2.87
CA ILE A 204 -7.16 -7.49 2.23
C ILE A 204 -8.63 -7.87 2.47
N ILE A 205 -9.22 -7.32 3.50
CA ILE A 205 -10.54 -7.76 3.93
C ILE A 205 -11.57 -6.86 3.30
N PRO A 206 -12.54 -7.45 2.57
CA PRO A 206 -13.65 -6.70 2.02
C PRO A 206 -14.39 -6.01 3.14
N VAL A 207 -14.73 -4.75 2.94
CA VAL A 207 -15.46 -3.95 3.88
C VAL A 207 -16.78 -3.45 3.25
N ASN A 208 -16.70 -2.97 2.01
CA ASN A 208 -17.87 -2.66 1.20
C ASN A 208 -17.66 -3.21 -0.21
N ALA A 209 -18.60 -4.01 -0.68
CA ALA A 209 -18.49 -4.55 -2.01
C ALA A 209 -18.59 -3.42 -3.00
N ARG A 210 -18.21 -3.70 -4.23
CA ARG A 210 -18.25 -2.69 -5.27
C ARG A 210 -19.70 -2.36 -5.59
N GLU A 211 -20.05 -1.09 -5.45
CA GLU A 211 -21.39 -0.61 -5.74
C GLU A 211 -21.27 0.46 -6.81
N LYS A 212 -22.33 0.65 -7.59
CA LYS A 212 -22.42 1.72 -8.59
C LYS A 212 -23.65 2.60 -8.34
N TRP A 213 -23.48 3.92 -8.34
CA TRP A 213 -24.58 4.88 -8.10
CA TRP A 213 -24.57 4.87 -8.06
C TRP A 213 -24.63 5.98 -9.13
N VAL A 214 -25.84 6.44 -9.43
CA VAL A 214 -26.03 7.58 -10.28
C VAL A 214 -26.57 8.66 -9.35
N ILE A 215 -25.76 9.68 -9.09
CA ILE A 215 -26.11 10.74 -8.15
C ILE A 215 -26.46 11.99 -8.94
N ALA A 216 -27.70 12.44 -8.75
CA ALA A 216 -28.20 13.62 -9.44
C ALA A 216 -27.48 14.89 -8.93
N SER A 217 -27.40 15.89 -9.80
CA SER A 217 -26.91 17.21 -9.44
C SER A 217 -27.55 17.65 -8.12
N GLY A 218 -26.72 17.95 -7.13
CA GLY A 218 -27.21 18.52 -5.88
C GLY A 218 -27.51 17.48 -4.83
N ASP A 219 -27.56 16.20 -5.22
CA ASP A 219 -27.87 15.14 -4.25
C ASP A 219 -26.60 14.65 -3.60
N THR A 220 -26.80 13.85 -2.56
CA THR A 220 -25.74 13.21 -1.83
C THR A 220 -26.05 11.75 -1.71
N TYR A 221 -25.09 10.89 -1.99
CA TYR A 221 -25.17 9.52 -1.55
C TYR A 221 -24.59 9.42 -0.14
N SER A 222 -25.42 8.99 0.80
CA SER A 222 -25.01 8.79 2.19
C SER A 222 -25.26 7.36 2.63
N LYS A 223 -24.28 6.78 3.31
CA LYS A 223 -24.51 5.55 4.07
C LYS A 223 -23.58 5.47 5.26
N VAL A 224 -23.88 4.57 6.16
CA VAL A 224 -22.99 4.23 7.23
C VAL A 224 -22.63 2.79 6.94
N ARG A 225 -21.33 2.49 6.97
CA ARG A 225 -20.83 1.15 6.79
C ARG A 225 -19.77 0.76 7.81
N GLY A 226 -19.94 -0.40 8.42
CA GLY A 226 -18.99 -0.86 9.43
C GLY A 226 -18.22 -2.12 9.10
N ILE A 227 -17.10 -2.29 9.79
CA ILE A 227 -16.38 -3.55 9.79
C ILE A 227 -16.30 -4.13 11.21
N ASN A 228 -16.64 -5.40 11.31
CA ASN A 228 -16.38 -6.22 12.48
C ASN A 228 -14.99 -6.84 12.39
N PHE A 229 -14.15 -6.47 13.33
CA PHE A 229 -12.88 -7.13 13.53
C PHE A 229 -13.17 -8.33 14.43
N ASP A 230 -13.30 -9.51 13.82
CA ASP A 230 -13.42 -10.76 14.57
C ASP A 230 -12.18 -11.03 15.41
N LYS A 231 -12.38 -11.63 16.58
CA LYS A 231 -11.30 -12.12 17.48
C LYS A 231 -10.15 -12.80 16.74
N SER A 232 -10.48 -13.58 15.72
CA SER A 232 -9.52 -14.35 14.95
C SER A 232 -8.56 -13.53 14.11
N TYR A 233 -8.90 -12.28 13.83
CA TYR A 233 -8.06 -11.47 12.95
C TYR A 233 -6.74 -11.06 13.61
N PRO A 234 -5.65 -10.96 12.83
CA PRO A 234 -4.37 -10.69 13.46
C PRO A 234 -4.26 -9.28 14.06
N ALA A 235 -3.48 -9.20 15.13
CA ALA A 235 -3.14 -7.95 15.75
C ALA A 235 -2.32 -7.12 14.80
N GLY A 236 -2.52 -5.82 14.85
CA GLY A 236 -1.72 -4.90 14.08
C GLY A 236 -2.57 -3.82 13.43
N GLU A 237 -1.98 -3.20 12.43
CA GLU A 237 -2.51 -1.96 11.86
C GLU A 237 -3.32 -2.29 10.63
N TYR A 238 -4.54 -1.78 10.58
CA TYR A 238 -5.41 -1.98 9.43
C TYR A 238 -5.67 -0.63 8.79
N THR A 239 -5.51 -0.53 7.48
CA THR A 239 -5.87 0.67 6.76
C THR A 239 -7.24 0.42 6.12
N ILE A 240 -8.25 1.13 6.60
CA ILE A 240 -9.57 1.07 6.02
C ILE A 240 -9.45 1.98 4.82
N ASN A 241 -9.65 1.41 3.65
CA ASN A 241 -9.31 2.06 2.39
C ASN A 241 -10.57 2.14 1.54
N ALA A 242 -11.03 3.37 1.32
CA ALA A 242 -12.19 3.61 0.47
C ALA A 242 -11.72 4.14 -0.88
N GLN A 243 -12.33 3.66 -1.96
CA GLN A 243 -12.03 4.16 -3.30
C GLN A 243 -13.32 4.59 -4.00
N VAL A 244 -13.25 5.73 -4.68
CA VAL A 244 -14.37 6.27 -5.43
C VAL A 244 -13.91 6.57 -6.83
N VAL A 245 -14.70 6.10 -7.79
CA VAL A 245 -14.36 6.28 -9.18
C VAL A 245 -15.49 6.97 -9.91
N ASP A 246 -15.15 7.98 -10.69
CA ASP A 246 -16.08 8.56 -11.67
C ASP A 246 -15.92 7.70 -12.91
N ILE A 247 -16.94 6.90 -13.17
CA ILE A 247 -16.98 5.92 -14.27
C ILE A 247 -16.87 6.54 -15.67
N VAL A 248 -17.27 7.79 -15.81
CA VAL A 248 -17.25 8.49 -17.08
C VAL A 248 -15.87 9.05 -17.36
N SER A 249 -15.29 9.78 -16.41
CA SER A 249 -13.94 10.31 -16.55
C SER A 249 -12.88 9.23 -16.35
N GLY A 250 -13.21 8.17 -15.60
CA GLY A 250 -12.24 7.17 -15.18
C GLY A 250 -11.26 7.63 -14.11
N GLU A 251 -11.54 8.73 -13.42
CA GLU A 251 -10.65 9.24 -12.37
C GLU A 251 -11.04 8.56 -11.05
N ARG A 252 -10.05 8.26 -10.22
CA ARG A 252 -10.24 7.55 -8.96
C ARG A 252 -9.59 8.33 -7.82
N VAL A 253 -10.23 8.30 -6.65
CA VAL A 253 -9.69 8.97 -5.50
C VAL A 253 -9.82 8.05 -4.28
N GLU A 254 -8.81 8.03 -3.42
CA GLU A 254 -8.81 7.16 -2.23
C GLU A 254 -9.01 7.98 -0.97
N GLN A 255 -9.51 7.31 0.06
CA GLN A 255 -9.44 7.82 1.44
C GLN A 255 -9.03 6.65 2.34
N SER A 256 -8.01 6.89 3.16
CA SER A 256 -7.46 5.87 4.03
C SER A 256 -7.55 6.29 5.46
N MET A 257 -7.91 5.36 6.32
CA MET A 257 -8.06 5.62 7.76
C MET A 257 -7.53 4.41 8.48
N THR A 258 -6.99 4.61 9.66
CA THR A 258 -6.29 3.53 10.34
C THR A 258 -7.04 3.09 11.58
N VAL A 259 -7.11 1.79 11.77
CA VAL A 259 -7.64 1.19 12.98
C VAL A 259 -6.64 0.14 13.44
N VAL A 260 -6.22 0.19 14.71
CA VAL A 260 -5.28 -0.82 15.24
C VAL A 260 -6.02 -1.90 16.03
N LYS A 261 -5.79 -3.16 15.70
CA LYS A 261 -6.27 -4.25 16.54
C LYS A 261 -5.17 -4.64 17.50
N LYS A 262 -5.45 -4.52 18.79
CA LYS A 262 -4.45 -4.75 19.84
C LYS A 262 -4.16 -6.24 20.03
N PRO B 29 -1.19 -28.51 8.56
CA PRO B 29 -2.05 -27.39 8.17
C PRO B 29 -3.53 -27.71 8.36
N VAL B 30 -4.18 -26.96 9.24
CA VAL B 30 -5.63 -27.06 9.42
C VAL B 30 -6.44 -26.74 8.15
N ILE B 31 -5.90 -25.86 7.28
CA ILE B 31 -6.53 -25.47 6.00
C ILE B 31 -5.52 -25.53 4.84
N GLU B 32 -5.98 -26.01 3.67
CA GLU B 32 -5.24 -25.84 2.41
C GLU B 32 -6.13 -25.03 1.45
N ALA B 33 -5.60 -23.93 0.92
CA ALA B 33 -6.36 -23.03 0.02
C ALA B 33 -5.87 -23.12 -1.42
N LEU B 35 -6.62 -21.75 -5.37
CA LEU B 35 -7.08 -20.73 -6.35
C LEU B 35 -6.53 -20.92 -7.76
N SER B 36 -7.43 -20.85 -8.74
CA SER B 36 -6.99 -20.71 -10.12
C SER B 36 -7.90 -19.76 -10.92
N LEU B 37 -7.32 -19.11 -11.93
CA LEU B 37 -8.02 -18.10 -12.72
C LEU B 37 -8.21 -18.67 -14.10
N ASN B 38 -9.35 -18.36 -14.72
CA ASN B 38 -9.59 -18.92 -16.05
C ASN B 38 -8.67 -18.32 -17.10
N GLN B 39 -8.19 -17.11 -16.87
CA GLN B 39 -7.21 -16.51 -17.74
C GLN B 39 -6.40 -15.52 -16.95
N ASN B 40 -5.19 -15.23 -17.44
CA ASN B 40 -4.21 -14.42 -16.73
C ASN B 40 -3.77 -13.18 -17.51
N GLN B 41 -4.46 -12.84 -18.59
CA GLN B 41 -4.05 -11.77 -19.49
C GLN B 41 -5.31 -11.07 -19.94
N LEU B 42 -5.39 -9.77 -19.68
CA LEU B 42 -6.46 -8.90 -20.17
C LEU B 42 -5.87 -7.76 -21.00
N ALA B 43 -6.64 -7.27 -21.95
CA ALA B 43 -6.25 -6.07 -22.69
C ALA B 43 -6.53 -4.84 -21.85
N SER B 44 -6.11 -3.68 -22.34
CA SER B 44 -6.32 -2.43 -21.62
C SER B 44 -7.80 -2.10 -21.44
N ASN B 45 -8.67 -2.56 -22.33
CA ASN B 45 -10.11 -2.35 -22.18
C ASN B 45 -10.71 -3.21 -21.04
N GLY B 46 -9.90 -4.05 -20.40
CA GLY B 46 -10.36 -4.85 -19.29
C GLY B 46 -11.10 -6.10 -19.70
N GLY B 47 -11.75 -6.74 -18.73
CA GLY B 47 -12.49 -7.96 -19.01
C GLY B 47 -12.83 -8.72 -17.78
N TYR B 48 -13.24 -9.97 -17.97
CA TYR B 48 -13.82 -10.77 -16.91
C TYR B 48 -12.89 -11.89 -16.54
N ILE B 49 -12.69 -12.07 -15.24
CA ILE B 49 -11.90 -13.13 -14.70
C ILE B 49 -12.76 -13.99 -13.81
N SER B 50 -12.73 -15.28 -14.10
CA SER B 50 -13.47 -16.26 -13.37
C SER B 50 -12.48 -17.07 -12.58
N SER B 51 -12.77 -17.26 -11.31
CA SER B 51 -11.83 -17.90 -10.41
C SER B 51 -12.45 -19.09 -9.70
N GLN B 52 -11.64 -20.14 -9.54
CA GLN B 52 -12.04 -21.36 -8.88
C GLN B 52 -11.38 -21.36 -7.51
N LEU B 53 -12.19 -21.39 -6.46
CA LEU B 53 -11.68 -21.37 -5.10
C LEU B 53 -11.84 -22.75 -4.47
N GLY B 54 -10.79 -23.22 -3.84
CA GLY B 54 -10.77 -24.53 -3.18
C GLY B 54 -10.28 -24.35 -1.76
N ILE B 55 -11.05 -24.80 -0.79
CA ILE B 55 -10.63 -24.79 0.61
C ILE B 55 -10.82 -26.19 1.16
N ARG B 56 -9.71 -26.84 1.53
CA ARG B 56 -9.74 -28.21 2.06
C ARG B 56 -9.37 -28.22 3.55
N ASN B 57 -10.16 -28.94 4.35
CA ASN B 57 -9.82 -29.21 5.74
C ASN B 57 -9.07 -30.55 5.80
N GLU B 58 -7.75 -30.47 5.92
CA GLU B 58 -6.91 -31.66 6.02
C GLU B 58 -6.89 -32.26 7.47
N SER B 59 -7.12 -31.42 8.48
CA SER B 59 -6.90 -31.80 9.88
C SER B 59 -7.88 -32.83 10.45
N CYS B 60 -7.52 -33.35 11.63
CA CYS B 60 -8.29 -34.38 12.32
C CYS B 60 -9.66 -33.87 12.76
N GLU B 61 -9.71 -32.61 13.18
CA GLU B 61 -10.95 -32.03 13.73
C GLU B 61 -11.67 -31.10 12.73
N THR B 62 -12.94 -30.82 13.04
CA THR B 62 -13.74 -29.84 12.31
C THR B 62 -13.12 -28.45 12.53
N VAL B 63 -13.07 -27.64 11.47
CA VAL B 63 -12.50 -26.29 11.54
C VAL B 63 -13.51 -25.21 11.13
N LYS B 64 -13.54 -24.12 11.91
CA LYS B 64 -14.34 -22.94 11.59
C LYS B 64 -13.40 -21.81 11.08
N PHE B 65 -13.81 -21.15 10.00
CA PHE B 65 -12.99 -20.11 9.36
C PHE B 65 -13.85 -19.07 8.67
N LYS B 66 -13.23 -17.96 8.29
CA LYS B 66 -13.86 -16.98 7.42
C LYS B 66 -12.97 -16.84 6.21
N TYR B 67 -13.55 -16.52 5.07
CA TYR B 67 -12.79 -16.42 3.84
C TYR B 67 -13.36 -15.41 2.90
N TRP B 68 -12.51 -14.91 2.03
CA TRP B 68 -12.94 -13.94 1.04
C TRP B 68 -11.97 -13.93 -0.13
N LEU B 69 -12.34 -13.21 -1.19
CA LEU B 69 -11.52 -13.07 -2.39
C LEU B 69 -11.30 -11.58 -2.63
N SER B 70 -10.04 -11.15 -2.70
CA SER B 70 -9.69 -9.73 -2.89
C SER B 70 -8.61 -9.58 -3.94
N ILE B 71 -8.52 -8.38 -4.48
CA ILE B 71 -7.59 -8.08 -5.54
C ILE B 71 -6.73 -6.86 -5.17
N LYS B 72 -5.46 -6.97 -5.48
CA LYS B 72 -4.49 -5.90 -5.35
C LYS B 72 -3.97 -5.61 -6.77
N GLY B 73 -3.92 -4.33 -7.12
CA GLY B 73 -3.44 -3.87 -8.43
C GLY B 73 -2.43 -2.76 -8.35
N PRO B 74 -2.02 -2.25 -9.53
CA PRO B 74 -1.14 -1.08 -9.62
C PRO B 74 -1.79 0.18 -9.06
N GLU B 75 -0.98 1.21 -8.84
CA GLU B 75 -1.46 2.53 -8.38
C GLU B 75 -2.31 2.45 -7.12
N GLY B 76 -1.95 1.56 -6.21
CA GLY B 76 -2.65 1.46 -4.94
C GLY B 76 -4.08 0.92 -4.98
N ILE B 77 -4.44 0.29 -6.09
CA ILE B 77 -5.75 -0.34 -6.20
C ILE B 77 -5.84 -1.53 -5.27
N TYR B 78 -6.89 -1.56 -4.47
CA TYR B 78 -7.35 -2.75 -3.77
C TYR B 78 -8.84 -2.83 -3.94
N PHE B 79 -9.36 -4.00 -4.23
CA PHE B 79 -10.79 -4.13 -4.33
C PHE B 79 -11.26 -5.54 -4.02
N PRO B 80 -12.49 -5.65 -3.51
CA PRO B 80 -13.11 -6.97 -3.23
C PRO B 80 -13.67 -7.54 -4.49
N ALA B 81 -13.60 -8.86 -4.65
CA ALA B 81 -14.15 -9.55 -5.83
C ALA B 81 -15.65 -9.38 -5.94
N LYS B 82 -16.32 -9.29 -4.80
CA LYS B 82 -17.76 -9.07 -4.79
C LYS B 82 -18.15 -7.66 -5.33
N ALA B 83 -19.06 -7.68 -6.29
CA ALA B 83 -19.80 -6.52 -6.76
C ALA B 83 -21.28 -6.80 -6.58
N VAL B 84 -22.03 -5.77 -6.20
CA VAL B 84 -23.49 -5.91 -5.97
C VAL B 84 -24.29 -4.86 -6.76
N VAL B 85 -25.51 -5.23 -7.17
CA VAL B 85 -26.39 -4.32 -7.90
C VAL B 85 -27.04 -3.22 -7.02
N GLY B 86 -27.10 -3.43 -5.71
CA GLY B 86 -27.68 -2.44 -4.79
C GLY B 86 -26.69 -1.95 -3.74
N VAL B 87 -27.11 -2.06 -2.47
CA VAL B 87 -26.40 -1.55 -1.30
C VAL B 87 -25.81 -2.75 -0.58
N ASP B 88 -24.49 -2.78 -0.38
CA ASP B 88 -23.84 -3.86 0.37
C ASP B 88 -24.15 -3.70 1.86
N THR B 89 -24.90 -4.66 2.38
CA THR B 89 -25.38 -4.66 3.78
C THR B 89 -24.83 -5.83 4.61
N ALA B 90 -24.02 -6.70 4.01
CA ALA B 90 -23.65 -7.99 4.62
C ALA B 90 -22.37 -7.87 5.45
N GLN B 91 -22.15 -8.82 6.37
CA GLN B 91 -20.87 -8.93 7.10
C GLN B 91 -20.16 -10.28 6.77
N GLN B 92 -18.86 -10.40 7.04
CA GLN B 92 -18.11 -11.66 6.83
C GLN B 92 -18.61 -12.82 7.74
N GLU B 93 -19.28 -13.80 7.13
CA GLU B 93 -19.81 -14.97 7.86
C GLU B 93 -18.77 -16.12 7.80
N SER B 94 -18.74 -16.90 8.86
CA SER B 94 -17.91 -18.10 8.95
C SER B 94 -18.46 -19.24 8.10
N ASP B 95 -17.60 -20.19 7.75
CA ASP B 95 -18.02 -21.49 7.23
C ASP B 95 -17.42 -22.50 8.17
N ALA B 96 -17.80 -23.75 8.00
CA ALA B 96 -17.20 -24.85 8.76
C ALA B 96 -17.01 -26.06 7.84
N LEU B 97 -15.87 -26.72 7.93
CA LEU B 97 -15.63 -27.91 7.11
C LEU B 97 -15.08 -29.06 7.96
N LEU B 103 -14.54 -27.58 0.31
CA LEU B 103 -15.34 -26.46 -0.20
C LEU B 103 -14.81 -26.04 -1.57
N ASN B 104 -15.71 -25.94 -2.54
CA ASN B 104 -15.37 -25.63 -3.93
C ASN B 104 -16.38 -24.69 -4.53
N VAL B 105 -15.97 -23.45 -4.75
CA VAL B 105 -16.87 -22.43 -5.25
C VAL B 105 -16.19 -21.72 -6.42
N THR B 106 -16.99 -21.14 -7.29
CA THR B 106 -16.47 -20.33 -8.38
C THR B 106 -17.06 -18.91 -8.28
N ARG B 107 -16.17 -17.91 -8.38
CA ARG B 107 -16.50 -16.49 -8.25
C ARG B 107 -15.85 -15.78 -9.43
N GLY B 108 -16.54 -14.83 -10.03
CA GLY B 108 -15.96 -14.03 -11.09
C GLY B 108 -16.16 -12.53 -10.90
N PHE B 109 -15.21 -11.77 -11.43
CA PHE B 109 -15.24 -10.31 -11.30
C PHE B 109 -14.81 -9.67 -12.63
N TRP B 110 -15.35 -8.48 -12.84
CA TRP B 110 -15.00 -7.61 -13.94
C TRP B 110 -13.88 -6.64 -13.53
N VAL B 111 -12.95 -6.43 -14.45
CA VAL B 111 -11.86 -5.49 -14.30
C VAL B 111 -12.12 -4.42 -15.34
N PRO B 112 -12.62 -3.25 -14.92
CA PRO B 112 -12.95 -2.23 -15.92
C PRO B 112 -11.75 -1.58 -16.59
N GLU B 113 -11.99 -1.04 -17.79
CA GLU B 113 -10.99 -0.29 -18.57
C GLU B 113 -10.29 0.81 -17.78
N TYR B 114 -11.01 1.50 -16.90
CA TYR B 114 -10.41 2.61 -16.14
C TYR B 114 -9.26 2.21 -15.21
N MET B 115 -9.23 0.97 -14.75
CA MET B 115 -8.18 0.57 -13.79
C MET B 115 -6.84 0.53 -14.50
N ALA B 116 -5.77 0.82 -13.76
CA ALA B 116 -4.44 0.90 -14.36
C ALA B 116 -4.00 -0.37 -15.06
N ASP B 117 -3.26 -0.18 -16.15
CA ASP B 117 -2.57 -1.28 -16.77
C ASP B 117 -1.43 -1.71 -15.84
N GLY B 118 -1.11 -3.01 -15.81
CA GLY B 118 -0.01 -3.55 -15.02
C GLY B 118 -0.38 -4.89 -14.41
N LYS B 119 0.27 -5.23 -13.31
CA LYS B 119 0.14 -6.54 -12.68
C LYS B 119 -0.89 -6.50 -11.54
N TYR B 120 -1.76 -7.50 -11.51
CA TYR B 120 -2.74 -7.68 -10.45
C TYR B 120 -2.51 -9.02 -9.74
N THR B 121 -2.77 -9.05 -8.44
CA THR B 121 -2.77 -10.27 -7.65
C THR B 121 -4.18 -10.52 -7.11
N VAL B 122 -4.74 -11.68 -7.42
CA VAL B 122 -5.96 -12.14 -6.85
C VAL B 122 -5.61 -13.05 -5.67
N SER B 123 -6.27 -12.82 -4.54
CA SER B 123 -5.92 -13.46 -3.29
C SER B 123 -7.14 -14.04 -2.59
N LEU B 124 -7.18 -15.37 -2.54
CA LEU B 124 -8.12 -16.10 -1.71
C LEU B 124 -7.50 -16.17 -0.30
N GLN B 125 -8.20 -15.68 0.71
CA GLN B 125 -7.62 -15.59 2.05
C GLN B 125 -8.57 -16.21 3.01
N VAL B 126 -8.03 -16.99 3.92
CA VAL B 126 -8.81 -17.74 4.89
C VAL B 126 -8.22 -17.44 6.26
N VAL B 127 -9.06 -17.04 7.22
CA VAL B 127 -8.63 -16.86 8.59
C VAL B 127 -9.40 -17.89 9.40
N ALA B 128 -8.65 -18.84 9.98
CA ALA B 128 -9.25 -19.87 10.82
C ALA B 128 -9.52 -19.29 12.20
N GLU B 129 -10.49 -19.88 12.90
CA GLU B 129 -10.89 -19.43 14.25
C GLU B 129 -9.73 -19.20 15.24
N ASN B 130 -8.70 -20.01 15.11
CA ASN B 130 -7.51 -19.88 15.95
C ASN B 130 -6.51 -18.81 15.52
N GLY B 131 -6.82 -18.03 14.49
CA GLY B 131 -5.93 -16.97 14.04
C GLY B 131 -4.96 -17.31 12.93
N LYS B 132 -4.83 -18.57 12.54
CA LYS B 132 -3.93 -18.97 11.44
C LYS B 132 -4.51 -18.44 10.13
N VAL B 133 -3.67 -17.77 9.36
CA VAL B 133 -4.05 -17.20 8.06
C VAL B 133 -3.51 -18.07 6.93
N PHE B 134 -4.36 -18.35 5.95
CA PHE B 134 -3.98 -19.10 4.78
C PHE B 134 -4.35 -18.32 3.54
N LYS B 135 -3.43 -18.24 2.58
CA LYS B 135 -3.65 -17.50 1.35
C LYS B 135 -3.27 -18.31 0.11
N ALA B 136 -4.08 -18.17 -0.94
CA ALA B 136 -3.73 -18.66 -2.26
C ALA B 136 -3.87 -17.52 -3.23
N ASN B 137 -2.76 -17.16 -3.89
CA ASN B 137 -2.66 -16.05 -4.79
C ASN B 137 -2.39 -16.50 -6.20
N GLN B 138 -2.92 -15.76 -7.17
CA GLN B 138 -2.57 -15.88 -8.58
C GLN B 138 -2.52 -14.51 -9.21
N GLU B 139 -1.72 -14.36 -10.25
CA GLU B 139 -1.53 -13.11 -10.94
C GLU B 139 -2.30 -13.09 -12.25
N PHE B 140 -2.75 -11.90 -12.62
CA PHE B 140 -3.11 -11.61 -14.01
C PHE B 140 -2.53 -10.24 -14.37
N VAL B 141 -2.41 -9.97 -15.67
CA VAL B 141 -1.94 -8.66 -16.13
C VAL B 141 -2.97 -8.00 -17.00
N LYS B 142 -2.96 -6.67 -17.02
CA LYS B 142 -3.88 -5.87 -17.82
C LYS B 142 -3.11 -4.91 -18.70
N GLY B 143 -3.31 -5.03 -20.00
CA GLY B 143 -2.63 -4.16 -20.97
C GLY B 143 -1.11 -4.29 -21.05
N VAL B 144 -0.51 -5.30 -20.45
CA VAL B 144 0.91 -5.59 -20.64
C VAL B 144 1.01 -7.09 -20.93
N ASP B 145 2.10 -7.49 -21.54
CA ASP B 145 2.33 -8.89 -21.86
C ASP B 145 2.65 -9.72 -20.57
N LEU B 146 1.97 -10.86 -20.39
CA LEU B 146 2.36 -11.84 -19.39
C LEU B 146 3.64 -12.41 -20.02
N ASN B 147 4.60 -12.83 -19.22
CA ASN B 147 5.82 -13.51 -19.79
C ASN B 147 6.78 -12.57 -20.54
N SER B 148 6.55 -11.26 -20.42
CA SER B 148 7.55 -10.26 -20.75
C SER B 148 7.87 -9.48 -19.48
N LEU B 149 9.06 -8.92 -19.39
CA LEU B 149 9.42 -8.06 -18.27
C LEU B 149 8.55 -6.80 -18.20
N PRO B 150 8.32 -6.29 -16.97
CA PRO B 150 7.77 -4.96 -16.84
C PRO B 150 8.59 -3.98 -17.66
N GLU B 151 7.95 -2.97 -18.22
CA GLU B 151 8.69 -2.02 -19.01
C GLU B 151 8.03 -0.67 -19.15
N LEU B 152 8.88 0.33 -19.42
CA LEU B 152 8.51 1.66 -19.78
C LEU B 152 8.94 1.88 -21.22
N ASN B 153 8.07 1.54 -22.14
CA ASN B 153 8.25 1.81 -23.57
C ASN B 153 9.70 1.50 -24.07
N GLY B 154 10.07 0.23 -23.94
CA GLY B 154 11.37 -0.27 -24.40
C GLY B 154 12.44 -0.33 -23.32
N LEU B 155 12.24 0.37 -22.21
CA LEU B 155 13.12 0.26 -21.07
C LEU B 155 12.57 -0.82 -20.19
N THR B 156 13.37 -1.83 -19.97
CA THR B 156 12.90 -3.07 -19.41
C THR B 156 13.37 -3.10 -17.96
N ILE B 157 12.55 -3.63 -17.06
CA ILE B 157 12.83 -3.60 -15.63
C ILE B 157 12.75 -4.99 -15.02
N ASP B 158 13.88 -5.45 -14.55
CA ASP B 158 14.06 -6.83 -14.09
C ASP B 158 14.58 -6.74 -12.68
N ILE B 159 13.66 -6.92 -11.72
CA ILE B 159 13.98 -6.82 -10.29
C ILE B 159 13.51 -8.06 -9.61
N LYS B 160 14.40 -8.68 -8.89
CA LYS B 160 14.15 -10.02 -8.36
C LYS B 160 14.77 -10.19 -7.00
N ASN B 161 14.13 -11.02 -6.20
CA ASN B 161 14.70 -11.57 -4.97
C ASN B 161 15.76 -12.56 -5.42
N GLN B 162 17.03 -12.25 -5.16
CA GLN B 162 18.12 -12.90 -5.85
C GLN B 162 18.14 -14.40 -5.60
N PHE B 163 17.94 -14.81 -4.34
CA PHE B 163 18.00 -16.22 -3.97
C PHE B 163 16.66 -16.83 -3.53
N GLY B 164 15.57 -16.12 -3.79
CA GLY B 164 14.24 -16.60 -3.41
C GLY B 164 14.04 -16.72 -1.91
N ILE B 165 14.60 -15.78 -1.15
CA ILE B 165 14.50 -15.84 0.29
C ILE B 165 13.22 -15.13 0.67
N ASN B 166 12.20 -15.88 1.06
CA ASN B 166 10.84 -15.35 1.30
C ASN B 166 10.60 -15.06 2.78
N SER B 167 11.53 -15.44 3.65
CA SER B 167 11.42 -15.10 5.06
C SER B 167 12.77 -15.05 5.73
N VAL B 168 12.82 -14.35 6.85
CA VAL B 168 13.99 -14.29 7.71
C VAL B 168 13.54 -14.52 9.15
N GLU B 169 14.48 -14.97 9.97
CA GLU B 169 14.27 -15.20 11.41
C GLU B 169 14.02 -13.92 12.18
N SER B 170 13.37 -14.08 13.32
CA SER B 170 13.11 -12.96 14.22
C SER B 170 14.40 -12.33 14.69
N THR B 171 15.47 -13.12 14.77
CA THR B 171 16.79 -12.64 15.15
C THR B 171 17.53 -11.91 14.03
N GLY B 172 16.95 -11.84 12.85
CA GLY B 172 17.48 -10.99 11.80
C GLY B 172 17.97 -11.80 10.62
N GLY B 173 18.09 -11.11 9.49
CA GLY B 173 18.50 -11.72 8.26
C GLY B 173 18.63 -10.62 7.22
N PHE B 174 19.27 -10.98 6.13
CA PHE B 174 19.63 -10.10 5.06
C PHE B 174 19.14 -10.74 3.76
N VAL B 175 18.51 -9.94 2.88
CA VAL B 175 17.97 -10.44 1.62
C VAL B 175 18.46 -9.55 0.47
N PRO B 176 19.25 -10.12 -0.44
CA PRO B 176 19.67 -9.31 -1.62
C PRO B 176 18.69 -9.38 -2.79
N PHE B 177 18.61 -8.29 -3.52
CA PHE B 177 17.77 -8.16 -4.72
C PHE B 177 18.58 -7.71 -5.92
N THR B 178 18.41 -8.36 -7.07
CA THR B 178 19.06 -7.91 -8.32
C THR B 178 18.18 -6.87 -9.05
N VAL B 179 18.84 -5.87 -9.64
CA VAL B 179 18.16 -4.80 -10.36
C VAL B 179 18.88 -4.66 -11.71
N ASP B 180 18.13 -4.89 -12.79
CA ASP B 180 18.63 -4.67 -14.15
C ASP B 180 17.63 -3.83 -14.95
N LEU B 181 18.06 -2.65 -15.33
CA LEU B 181 17.25 -1.72 -16.08
C LEU B 181 17.90 -1.59 -17.45
N ASN B 182 17.36 -2.30 -18.43
CA ASN B 182 17.99 -2.39 -19.74
C ASN B 182 17.30 -1.49 -20.74
N ASN B 183 18.01 -0.52 -21.28
CA ASN B 183 17.43 0.43 -22.23
C ASN B 183 17.46 -0.12 -23.66
N GLY B 184 16.33 -0.64 -24.10
CA GLY B 184 16.19 -1.15 -25.49
C GLY B 184 15.77 -0.12 -26.54
N ARG B 185 15.74 1.15 -26.18
CA ARG B 185 15.26 2.18 -27.07
C ARG B 185 16.39 2.64 -27.95
N GLU B 186 16.04 3.46 -28.96
CA GLU B 186 17.03 4.06 -29.86
C GLU B 186 17.75 5.27 -29.26
N GLY B 187 17.09 5.97 -28.32
CA GLY B 187 17.68 7.12 -27.62
C GLY B 187 17.93 6.84 -26.15
N GLU B 188 18.52 7.81 -25.45
CA GLU B 188 18.84 7.64 -24.03
C GLU B 188 17.59 7.84 -23.13
N ALA B 189 17.55 7.09 -22.03
CA ALA B 189 16.42 7.05 -21.14
C ALA B 189 16.81 7.74 -19.85
N ASN B 190 15.95 8.62 -19.35
CA ASN B 190 16.22 9.34 -18.12
C ASN B 190 15.33 8.70 -17.06
N VAL B 191 15.93 7.94 -16.14
CA VAL B 191 15.16 7.22 -15.14
C VAL B 191 15.47 7.62 -13.71
N GLU B 192 14.45 7.44 -12.88
CA GLU B 192 14.59 7.57 -11.47
C GLU B 192 14.21 6.24 -10.85
N PHE B 193 14.87 5.86 -9.76
CA PHE B 193 14.66 4.52 -9.18
C PHE B 193 14.81 4.60 -7.66
N TRP B 194 13.91 3.95 -6.93
CA TRP B 194 14.06 3.76 -5.49
C TRP B 194 13.35 2.49 -5.01
N MET B 195 13.59 2.15 -3.75
CA MET B 195 12.95 0.99 -3.13
C MET B 195 12.63 1.27 -1.67
N THR B 196 11.47 0.79 -1.19
CA THR B 196 11.13 0.82 0.24
C THR B 196 10.66 -0.56 0.67
N ALA B 197 10.68 -0.80 1.98
CA ALA B 197 10.06 -1.97 2.58
C ALA B 197 8.83 -1.48 3.35
N VAL B 198 7.64 -1.82 2.87
CA VAL B 198 6.38 -1.37 3.49
C VAL B 198 5.91 -2.50 4.40
N GLY B 199 5.89 -2.26 5.69
CA GLY B 199 5.80 -3.34 6.64
C GLY B 199 4.83 -3.11 7.76
N PRO B 200 4.92 -3.93 8.82
CA PRO B 200 4.08 -3.83 10.01
C PRO B 200 4.22 -2.51 10.75
N ASP B 201 3.21 -2.17 11.56
CA ASP B 201 3.21 -0.98 12.41
C ASP B 201 3.37 0.31 11.61
N GLY B 202 2.90 0.30 10.35
CA GLY B 202 3.04 1.45 9.45
C GLY B 202 4.47 1.79 9.03
N LEU B 203 5.41 0.85 9.18
CA LEU B 203 6.78 1.17 8.76
C LEU B 203 6.90 1.27 7.22
N ILE B 204 7.62 2.29 6.78
CA ILE B 204 8.05 2.41 5.39
C ILE B 204 9.59 2.55 5.42
N ILE B 205 10.30 1.44 5.32
CA ILE B 205 11.75 1.43 5.53
C ILE B 205 12.43 1.69 4.17
N PRO B 206 13.23 2.77 4.07
CA PRO B 206 14.09 2.98 2.91
C PRO B 206 14.98 1.77 2.67
N VAL B 207 15.02 1.32 1.42
CA VAL B 207 15.84 0.18 1.03
C VAL B 207 16.84 0.60 0.00
N ASN B 208 16.41 1.44 -0.95
CA ASN B 208 17.30 2.12 -1.88
C ASN B 208 16.88 3.56 -1.98
N ALA B 209 17.81 4.48 -1.71
CA ALA B 209 17.52 5.88 -1.88
C ALA B 209 17.24 6.16 -3.35
N ARG B 210 16.65 7.32 -3.59
CA ARG B 210 16.25 7.71 -4.92
C ARG B 210 17.49 7.99 -5.69
N GLU B 211 17.64 7.28 -6.79
CA GLU B 211 18.77 7.46 -7.71
C GLU B 211 18.21 7.91 -9.03
N LYS B 212 19.00 8.69 -9.77
CA LYS B 212 18.65 9.18 -11.14
C LYS B 212 19.76 8.79 -12.11
N TRP B 213 19.39 8.20 -13.24
CA TRP B 213 20.37 7.73 -14.19
C TRP B 213 20.00 8.13 -15.59
N VAL B 214 21.01 8.42 -16.40
CA VAL B 214 20.79 8.59 -17.84
C VAL B 214 21.39 7.38 -18.49
N ILE B 215 20.56 6.51 -19.02
CA ILE B 215 21.00 5.23 -19.58
C ILE B 215 20.99 5.36 -21.09
N ALA B 216 22.16 5.20 -21.69
CA ALA B 216 22.31 5.28 -23.12
C ALA B 216 21.60 4.12 -23.80
N SER B 217 21.17 4.35 -25.04
CA SER B 217 20.63 3.30 -25.90
C SER B 217 21.54 2.08 -25.83
N GLY B 218 20.98 0.95 -25.42
CA GLY B 218 21.71 -0.31 -25.47
C GLY B 218 22.44 -0.63 -24.20
N ASP B 219 22.53 0.34 -23.26
CA ASP B 219 23.16 0.09 -21.99
C ASP B 219 22.17 -0.43 -20.95
N THR B 220 22.72 -0.90 -19.84
CA THR B 220 21.98 -1.43 -18.72
C THR B 220 22.49 -0.79 -17.46
N TYR B 221 21.60 -0.35 -16.59
CA TYR B 221 21.92 -0.09 -15.18
C TYR B 221 21.72 -1.38 -14.38
N SER B 222 22.79 -1.90 -13.79
CA SER B 222 22.77 -3.11 -12.97
C SER B 222 23.32 -2.91 -11.59
N LYS B 223 22.62 -3.44 -10.59
CA LYS B 223 23.20 -3.55 -9.26
C LYS B 223 22.59 -4.72 -8.51
N VAL B 224 23.22 -5.04 -7.39
CA VAL B 224 22.63 -5.91 -6.39
C VAL B 224 22.43 -5.02 -5.17
N ARG B 225 21.22 -5.01 -4.61
CA ARG B 225 20.90 -4.24 -3.43
C ARG B 225 20.24 -5.12 -2.39
N GLY B 226 20.75 -5.10 -1.16
CA GLY B 226 20.13 -5.84 -0.08
C GLY B 226 19.53 -5.00 1.04
N ILE B 227 18.60 -5.59 1.76
CA ILE B 227 18.11 -5.05 2.99
C ILE B 227 18.48 -6.00 4.12
N ASN B 228 19.06 -5.43 5.16
CA ASN B 228 19.20 -6.07 6.44
C ASN B 228 17.96 -5.83 7.30
N PHE B 229 17.27 -6.94 7.62
CA PHE B 229 16.21 -6.92 8.57
C PHE B 229 16.86 -7.08 9.94
N ASP B 230 17.04 -5.96 10.64
CA ASP B 230 17.58 -5.96 11.98
C ASP B 230 16.65 -6.69 12.93
N LYS B 231 17.21 -7.38 13.88
CA LYS B 231 16.50 -8.03 15.00
C LYS B 231 15.34 -7.18 15.56
N SER B 232 15.58 -5.87 15.67
CA SER B 232 14.62 -4.93 16.26
C SER B 232 13.36 -4.70 15.45
N TYR B 233 13.37 -5.05 14.18
CA TYR B 233 12.23 -4.79 13.34
C TYR B 233 11.03 -5.71 13.66
N PRO B 234 9.79 -5.20 13.56
CA PRO B 234 8.66 -6.03 13.94
C PRO B 234 8.44 -7.24 13.05
N ALA B 235 7.95 -8.30 13.67
CA ALA B 235 7.53 -9.51 12.97
C ALA B 235 6.38 -9.16 12.07
N GLY B 236 6.34 -9.81 10.92
CA GLY B 236 5.23 -9.70 10.02
C GLY B 236 5.70 -9.56 8.56
N GLU B 237 4.80 -9.06 7.74
CA GLU B 237 4.97 -9.10 6.31
C GLU B 237 5.54 -7.79 5.83
N TYR B 238 6.61 -7.86 5.05
CA TYR B 238 7.17 -6.68 4.42
C TYR B 238 7.02 -6.79 2.90
N THR B 239 6.54 -5.74 2.27
CA THR B 239 6.54 -5.67 0.82
C THR B 239 7.74 -4.83 0.40
N ILE B 240 8.70 -5.48 -0.27
CA ILE B 240 9.83 -4.79 -0.83
C ILE B 240 9.28 -4.23 -2.13
N ASN B 241 9.29 -2.92 -2.24
CA ASN B 241 8.59 -2.22 -3.28
C ASN B 241 9.56 -1.39 -4.08
N ALA B 242 9.79 -1.78 -5.34
CA ALA B 242 10.70 -1.03 -6.20
C ALA B 242 9.85 -0.18 -7.14
N GLN B 243 10.28 1.04 -7.35
CA GLN B 243 9.60 1.88 -8.33
C GLN B 243 10.62 2.41 -9.35
N VAL B 244 10.22 2.44 -10.62
CA VAL B 244 11.04 3.02 -11.67
C VAL B 244 10.21 4.04 -12.46
N VAL B 245 10.81 5.20 -12.68
CA VAL B 245 10.11 6.25 -13.39
C VAL B 245 10.92 6.70 -14.60
N ASP B 246 10.25 6.82 -15.74
CA ASP B 246 10.77 7.55 -16.89
C ASP B 246 10.40 9.02 -16.65
N ILE B 247 11.40 9.81 -16.34
CA ILE B 247 11.25 11.24 -15.99
C ILE B 247 10.67 12.11 -17.09
N VAL B 248 10.83 11.69 -18.34
CA VAL B 248 10.39 12.43 -19.50
C VAL B 248 8.91 12.16 -19.76
N SER B 249 8.52 10.89 -19.81
CA SER B 249 7.14 10.51 -20.03
C SER B 249 6.32 10.68 -18.76
N GLY B 250 6.99 10.62 -17.62
CA GLY B 250 6.33 10.60 -16.33
C GLY B 250 5.62 9.31 -16.02
N GLU B 251 5.93 8.23 -16.73
CA GLU B 251 5.30 6.94 -16.46
C GLU B 251 6.12 6.23 -15.38
N ARG B 252 5.44 5.54 -14.49
CA ARG B 252 6.03 4.84 -13.34
C ARG B 252 5.58 3.38 -13.36
N VAL B 253 6.49 2.49 -13.01
CA VAL B 253 6.15 1.09 -12.93
C VAL B 253 6.67 0.52 -11.57
N GLU B 254 5.88 -0.29 -10.90
CA GLU B 254 6.26 -0.89 -9.63
C GLU B 254 6.56 -2.37 -9.78
N GLN B 255 7.38 -2.85 -8.86
CA GLN B 255 7.60 -4.25 -8.68
C GLN B 255 7.58 -4.48 -7.17
N SER B 256 6.74 -5.39 -6.72
CA SER B 256 6.57 -5.72 -5.31
C SER B 256 6.93 -7.17 -5.05
N MET B 257 7.62 -7.39 -3.95
CA MET B 257 8.10 -8.71 -3.55
C MET B 257 7.95 -8.78 -2.06
N THR B 258 7.61 -9.94 -1.55
CA THR B 258 7.26 -10.00 -0.14
C THR B 258 8.31 -10.82 0.60
N VAL B 259 8.70 -10.35 1.78
CA VAL B 259 9.56 -11.04 2.69
C VAL B 259 8.90 -11.04 4.05
N VAL B 260 8.73 -12.22 4.68
CA VAL B 260 8.14 -12.29 6.04
C VAL B 260 9.22 -12.36 7.11
N LYS B 261 9.16 -11.49 8.12
CA LYS B 261 10.01 -11.62 9.28
C LYS B 261 9.25 -12.39 10.35
N LYS B 262 9.76 -13.57 10.72
CA LYS B 262 9.10 -14.45 11.65
C LYS B 262 9.14 -13.93 13.09
MG MG C . 3.43 26.09 -0.78
#